data_4K28
#
_entry.id   4K28
#
_cell.length_a   44.437
_cell.length_b   76.688
_cell.length_c   153.333
_cell.angle_alpha   90.00
_cell.angle_beta   90.00
_cell.angle_gamma   90.00
#
_symmetry.space_group_name_H-M   'P 21 21 21'
#
loop_
_entity.id
_entity.type
_entity.pdbx_description
1 polymer 'Shikimate dehydrogenase family protein'
2 non-polymer NICOTINAMIDE-ADENINE-DINUCLEOTIDE
3 non-polymer 'MANGANESE (II) ION'
4 non-polymer 'SODIUM ION'
5 water water
#
_entity_poly.entity_id   1
_entity_poly.type   'polypeptide(L)'
_entity_poly.pdbx_seq_one_letter_code
;MIRGSTELVAIVGSPIAQVKSPQNFNTWFNHNNCNLAMLPIDLHEAALDSFADTLRGWQNLRGCVVTVPYKQALANRVDG
LSERAAALGSINVIRRERDGRLLGDNVDGAGFLGAAHKHGFEPAGKRALVIGCGGVGSAIAYALAEAGIASITLCDPSTA
RMGAVCELLGNGFPGLTVSTQFSGLEDFDLVANASPVGMGTRAELPLSAALLATLQPDTLVADVVTSPEITPLLNRARQV
GCRIQTGPEMAFAQLGHLGAFMGVTPLEI
;
_entity_poly.pdbx_strand_id   A,B
#
# COMPACT_ATOMS: atom_id res chain seq x y z
N ARG A 3 -26.87 -28.84 10.28
N ARG A 3 -26.81 -28.79 9.67
CA ARG A 3 -25.89 -27.77 10.41
CA ARG A 3 -25.92 -27.77 10.23
C ARG A 3 -24.52 -28.23 9.91
C ARG A 3 -24.47 -28.21 10.05
N GLY A 4 -24.22 -29.51 10.09
CA GLY A 4 -22.93 -30.04 9.73
C GLY A 4 -22.52 -29.70 8.31
N SER A 5 -23.50 -29.43 7.46
CA SER A 5 -23.23 -29.16 6.04
C SER A 5 -23.43 -27.69 5.68
N THR A 6 -23.83 -26.87 6.65
CA THR A 6 -23.98 -25.44 6.42
C THR A 6 -22.68 -24.85 5.88
N GLU A 7 -22.76 -24.05 4.83
CA GLU A 7 -21.57 -23.34 4.36
C GLU A 7 -21.57 -21.97 5.00
N LEU A 8 -20.40 -21.37 5.10
CA LEU A 8 -20.21 -20.25 5.99
C LEU A 8 -19.65 -19.00 5.33
N VAL A 9 -20.06 -17.84 5.86
CA VAL A 9 -19.26 -16.64 5.73
C VAL A 9 -19.04 -16.12 7.14
N ALA A 10 -18.14 -15.16 7.26
CA ALA A 10 -17.77 -14.64 8.55
C ALA A 10 -17.53 -13.14 8.46
N ILE A 11 -17.42 -12.51 9.62
CA ILE A 11 -16.97 -11.14 9.65
C ILE A 11 -15.90 -11.06 10.74
N VAL A 12 -14.78 -10.43 10.41
CA VAL A 12 -13.66 -10.41 11.33
C VAL A 12 -13.32 -8.97 11.69
N GLY A 13 -12.92 -8.79 12.93
CA GLY A 13 -12.57 -7.48 13.47
C GLY A 13 -12.34 -7.61 14.95
N SER A 14 -12.19 -6.48 15.64
CA SER A 14 -12.03 -6.45 17.09
C SER A 14 -12.24 -5.02 17.57
N PRO A 15 -13.21 -4.82 18.47
CA PRO A 15 -14.11 -5.88 18.94
C PRO A 15 -15.13 -6.23 17.88
N ILE A 16 -15.98 -7.22 18.12
CA ILE A 16 -16.95 -7.66 17.10
C ILE A 16 -18.39 -7.74 17.62
N ALA A 17 -18.58 -7.62 18.94
CA ALA A 17 -19.89 -7.86 19.52
C ALA A 17 -20.96 -6.89 19.00
N GLN A 18 -20.52 -5.73 18.55
CA GLN A 18 -21.42 -4.66 18.12
C GLN A 18 -21.88 -4.79 16.67
N VAL A 19 -21.21 -5.65 15.89
CA VAL A 19 -21.52 -5.78 14.47
C VAL A 19 -22.94 -6.27 14.21
N LYS A 20 -23.49 -5.85 13.06
CA LYS A 20 -24.88 -6.14 12.74
C LYS A 20 -25.01 -7.01 11.51
N SER A 21 -23.91 -7.20 10.79
CA SER A 21 -23.92 -8.04 9.59
C SER A 21 -24.49 -9.43 9.87
N PRO A 22 -24.08 -10.07 10.97
CA PRO A 22 -24.54 -11.44 11.20
C PRO A 22 -26.06 -11.56 11.26
N GLN A 23 -26.72 -10.79 12.13
CA GLN A 23 -28.17 -10.88 12.19
C GLN A 23 -28.75 -10.51 10.83
N ASN A 24 -28.20 -9.48 10.20
CA ASN A 24 -28.72 -9.07 8.90
C ASN A 24 -28.61 -10.16 7.83
N PHE A 25 -27.43 -10.76 7.70
CA PHE A 25 -27.23 -11.86 6.74
C PHE A 25 -28.00 -13.13 7.09
N ASN A 26 -28.03 -13.45 8.39
CA ASN A 26 -28.73 -14.65 8.86
C ASN A 26 -30.25 -14.51 8.71
N THR A 27 -30.78 -13.37 9.12
CA THR A 27 -32.18 -13.02 8.87
C THR A 27 -32.51 -13.26 7.40
N TRP A 28 -31.66 -12.77 6.50
CA TRP A 28 -31.90 -12.99 5.08
C TRP A 28 -31.75 -14.46 4.74
N PHE A 29 -30.72 -15.11 5.26
CA PHE A 29 -30.49 -16.53 4.99
C PHE A 29 -31.71 -17.37 5.37
N ASN A 30 -32.30 -17.04 6.52
CA ASN A 30 -33.46 -17.77 7.01
C ASN A 30 -34.68 -17.56 6.11
N HIS A 31 -34.94 -16.29 5.74
CA HIS A 31 -36.11 -15.95 4.95
C HIS A 31 -36.13 -16.59 3.56
N ASN A 32 -34.96 -16.88 3.00
CA ASN A 32 -34.90 -17.57 1.71
C ASN A 32 -34.38 -18.99 1.79
N ASN A 33 -34.45 -19.58 2.98
CA ASN A 33 -34.11 -20.99 3.17
C ASN A 33 -32.74 -21.39 2.63
N CYS A 34 -31.72 -20.61 2.95
CA CYS A 34 -30.36 -20.91 2.50
C CYS A 34 -29.63 -21.74 3.56
N ASN A 35 -28.88 -22.75 3.12
CA ASN A 35 -28.05 -23.51 4.04
C ASN A 35 -26.71 -22.80 4.26
N LEU A 36 -26.82 -21.55 4.70
CA LEU A 36 -25.67 -20.68 4.88
C LEU A 36 -25.82 -19.98 6.21
N ALA A 37 -24.70 -19.51 6.74
CA ALA A 37 -24.72 -18.72 7.96
C ALA A 37 -23.51 -17.81 8.00
N MET A 38 -23.70 -16.64 8.60
CA MET A 38 -22.59 -15.75 8.88
C MET A 38 -22.28 -15.84 10.37
N LEU A 39 -21.00 -15.94 10.70
CA LEU A 39 -20.57 -15.98 12.08
C LEU A 39 -19.59 -14.85 12.32
N PRO A 40 -19.58 -14.31 13.55
CA PRO A 40 -18.66 -13.27 14.03
C PRO A 40 -17.34 -13.80 14.59
N ILE A 41 -16.25 -13.14 14.21
CA ILE A 41 -14.93 -13.51 14.68
C ILE A 41 -14.24 -12.29 15.25
N ASP A 42 -14.11 -12.25 16.57
CA ASP A 42 -13.35 -11.22 17.23
C ASP A 42 -11.93 -11.71 17.32
N LEU A 43 -11.11 -11.27 16.39
CA LEU A 43 -9.76 -11.78 16.27
C LEU A 43 -8.72 -10.83 16.87
N HIS A 44 -7.90 -11.36 17.77
CA HIS A 44 -6.78 -10.59 18.32
C HIS A 44 -5.78 -10.29 17.22
N GLU A 45 -5.22 -9.09 17.24
CA GLU A 45 -4.34 -8.65 16.16
C GLU A 45 -3.12 -9.54 15.97
N ALA A 46 -2.66 -10.15 17.04
CA ALA A 46 -1.47 -11.00 16.93
C ALA A 46 -1.70 -12.18 15.99
N ALA A 47 -2.97 -12.51 15.74
CA ALA A 47 -3.25 -13.73 14.96
C ALA A 47 -3.61 -13.45 13.52
N LEU A 48 -3.36 -12.23 13.04
CA LEU A 48 -3.73 -11.87 11.67
C LEU A 48 -3.21 -12.80 10.58
N ASP A 49 -1.91 -13.07 10.60
CA ASP A 49 -1.28 -13.94 9.59
C ASP A 49 -1.82 -15.36 9.65
N SER A 50 -2.01 -15.87 10.86
CA SER A 50 -2.58 -17.19 11.04
C SER A 50 -3.97 -17.21 10.45
N PHE A 51 -4.70 -16.12 10.69
CA PHE A 51 -6.09 -16.06 10.24
C PHE A 51 -6.17 -16.08 8.72
N ALA A 52 -5.35 -15.28 8.05
CA ALA A 52 -5.36 -15.28 6.60
C ALA A 52 -5.13 -16.69 6.08
N ASP A 53 -4.16 -17.38 6.68
CA ASP A 53 -3.84 -18.73 6.27
C ASP A 53 -4.92 -19.75 6.62
N THR A 54 -5.56 -19.58 7.76
CA THR A 54 -6.70 -20.42 8.10
C THR A 54 -7.80 -20.25 7.04
N LEU A 55 -8.01 -19.02 6.56
CA LEU A 55 -9.05 -18.76 5.56
C LEU A 55 -8.80 -19.54 4.27
N ARG A 56 -7.53 -19.60 3.86
CA ARG A 56 -7.17 -20.32 2.66
C ARG A 56 -7.49 -21.79 2.81
N GLY A 57 -7.28 -22.31 4.01
CA GLY A 57 -7.51 -23.72 4.29
C GLY A 57 -8.92 -24.02 4.76
N TRP A 58 -9.75 -22.98 4.86
CA TRP A 58 -11.10 -23.16 5.38
C TRP A 58 -12.05 -23.48 4.24
N GLN A 59 -12.26 -24.77 4.02
CA GLN A 59 -12.88 -25.24 2.79
C GLN A 59 -14.40 -25.04 2.63
N ASN A 60 -15.15 -24.96 3.72
CA ASN A 60 -16.57 -24.69 3.62
C ASN A 60 -16.92 -23.23 3.88
N LEU A 61 -15.92 -22.36 3.82
CA LEU A 61 -16.15 -20.93 3.97
C LEU A 61 -16.15 -20.26 2.60
N ARG A 62 -17.10 -19.36 2.38
CA ARG A 62 -17.25 -18.72 1.09
C ARG A 62 -16.54 -17.37 1.08
N GLY A 63 -16.56 -16.68 2.21
CA GLY A 63 -16.02 -15.34 2.25
C GLY A 63 -16.06 -14.74 3.64
N CYS A 64 -15.53 -13.52 3.75
CA CYS A 64 -15.34 -12.92 5.06
C CYS A 64 -15.35 -11.40 4.94
N VAL A 65 -16.28 -10.76 5.64
CA VAL A 65 -16.35 -9.32 5.69
C VAL A 65 -15.23 -8.85 6.61
N VAL A 66 -14.67 -7.68 6.33
CA VAL A 66 -13.60 -7.15 7.15
C VAL A 66 -14.00 -5.78 7.72
N THR A 67 -13.97 -5.63 9.04
CA THR A 67 -14.26 -4.34 9.67
C THR A 67 -13.11 -3.95 10.61
N VAL A 68 -13.25 -2.83 11.33
CA VAL A 68 -12.11 -2.33 12.13
C VAL A 68 -11.49 -3.35 13.09
N PRO A 69 -10.16 -3.34 13.19
CA PRO A 69 -9.26 -2.43 12.48
C PRO A 69 -8.41 -3.16 11.45
N TYR A 70 -9.00 -4.02 10.64
CA TYR A 70 -8.21 -4.91 9.80
C TYR A 70 -8.39 -4.65 8.31
N LYS A 71 -9.06 -3.56 7.96
CA LYS A 71 -9.32 -3.28 6.55
C LYS A 71 -8.03 -3.11 5.74
N GLN A 72 -7.07 -2.36 6.28
CA GLN A 72 -5.78 -2.21 5.60
C GLN A 72 -4.91 -3.44 5.77
N ALA A 73 -4.79 -3.89 7.01
CA ALA A 73 -3.97 -5.06 7.32
C ALA A 73 -4.31 -6.28 6.46
N LEU A 74 -5.59 -6.56 6.25
CA LEU A 74 -5.94 -7.71 5.43
C LEU A 74 -5.83 -7.45 3.92
N ALA A 75 -5.96 -6.17 3.52
CA ALA A 75 -5.73 -5.81 2.12
C ALA A 75 -4.35 -6.28 1.68
N ASN A 76 -3.41 -6.18 2.63
CA ASN A 76 -2.02 -6.53 2.40
C ASN A 76 -1.72 -8.03 2.52
N ARG A 77 -2.72 -8.81 2.91
CA ARG A 77 -2.51 -10.22 3.18
C ARG A 77 -3.29 -11.12 2.26
N VAL A 78 -4.14 -10.54 1.40
CA VAL A 78 -4.90 -11.37 0.47
C VAL A 78 -4.10 -11.63 -0.80
N ASP A 79 -4.63 -12.49 -1.68
CA ASP A 79 -3.92 -12.88 -2.89
C ASP A 79 -4.15 -11.93 -4.04
N GLY A 80 -5.34 -11.32 -4.08
CA GLY A 80 -5.69 -10.41 -5.15
C GLY A 80 -6.58 -9.28 -4.69
N LEU A 81 -6.46 -8.14 -5.37
CA LEU A 81 -7.23 -6.95 -5.04
C LEU A 81 -7.99 -6.43 -6.25
N SER A 82 -9.23 -6.01 -6.05
CA SER A 82 -9.98 -5.29 -7.06
C SER A 82 -9.26 -3.96 -7.32
N GLU A 83 -9.62 -3.28 -8.41
CA GLU A 83 -9.00 -2.02 -8.78
C GLU A 83 -9.17 -0.96 -7.69
N ARG A 84 -10.40 -0.83 -7.19
CA ARG A 84 -10.63 0.15 -6.14
C ARG A 84 -9.91 -0.23 -4.86
N ALA A 85 -10.01 -1.49 -4.46
CA ALA A 85 -9.31 -1.93 -3.26
C ALA A 85 -7.81 -1.59 -3.37
N ALA A 86 -7.20 -1.97 -4.49
CA ALA A 86 -5.80 -1.63 -4.73
C ALA A 86 -5.53 -0.12 -4.60
N ALA A 87 -6.40 0.70 -5.16
CA ALA A 87 -6.20 2.15 -5.06
C ALA A 87 -6.40 2.66 -3.63
N LEU A 88 -7.30 2.05 -2.89
CA LEU A 88 -7.64 2.53 -1.56
C LEU A 88 -6.69 1.99 -0.50
N GLY A 89 -6.03 0.88 -0.82
CA GLY A 89 -5.22 0.17 0.14
C GLY A 89 -6.01 -0.48 1.28
N SER A 90 -7.30 -0.74 1.06
CA SER A 90 -8.08 -1.41 2.09
C SER A 90 -9.28 -2.18 1.52
N ILE A 91 -9.72 -3.20 2.26
CA ILE A 91 -10.82 -4.03 1.84
C ILE A 91 -11.80 -4.11 3.00
N ASN A 92 -13.06 -4.36 2.69
CA ASN A 92 -14.00 -4.73 3.73
C ASN A 92 -14.72 -6.02 3.36
N VAL A 93 -14.21 -6.71 2.35
CA VAL A 93 -14.78 -8.02 2.03
C VAL A 93 -13.76 -8.91 1.32
N ILE A 94 -13.84 -10.20 1.61
CA ILE A 94 -12.95 -11.20 1.05
C ILE A 94 -13.79 -12.34 0.52
N ARG A 95 -13.55 -12.75 -0.72
CA ARG A 95 -14.10 -13.99 -1.24
C ARG A 95 -13.01 -15.06 -1.25
N ARG A 96 -13.35 -16.24 -0.72
CA ARG A 96 -12.45 -17.38 -0.80
C ARG A 96 -12.81 -18.22 -2.01
N GLU A 97 -11.88 -18.32 -2.95
CA GLU A 97 -12.08 -19.15 -4.12
C GLU A 97 -12.10 -20.61 -3.72
N ARG A 98 -12.58 -21.47 -4.60
CA ARG A 98 -12.61 -22.90 -4.30
C ARG A 98 -11.22 -23.45 -4.06
N ASP A 99 -10.22 -22.81 -4.67
CA ASP A 99 -8.84 -23.28 -4.55
C ASP A 99 -8.09 -22.65 -3.38
N GLY A 100 -8.73 -21.75 -2.66
CA GLY A 100 -8.12 -21.16 -1.48
C GLY A 100 -7.58 -19.75 -1.60
N ARG A 101 -7.56 -19.22 -2.83
CA ARG A 101 -7.10 -17.86 -3.07
C ARG A 101 -8.05 -16.82 -2.46
N LEU A 102 -7.48 -15.87 -1.72
CA LEU A 102 -8.28 -14.81 -1.12
C LEU A 102 -8.35 -13.56 -2.00
N LEU A 103 -9.54 -13.21 -2.46
CA LEU A 103 -9.68 -11.99 -3.24
C LEU A 103 -10.42 -10.95 -2.42
N GLY A 104 -9.87 -9.74 -2.37
CA GLY A 104 -10.46 -8.66 -1.60
C GLY A 104 -11.02 -7.51 -2.42
N ASP A 105 -12.01 -6.84 -1.85
CA ASP A 105 -12.62 -5.66 -2.46
C ASP A 105 -13.02 -4.68 -1.36
N ASN A 106 -13.31 -3.44 -1.75
CA ASN A 106 -13.83 -2.48 -0.80
C ASN A 106 -15.14 -1.93 -1.36
N VAL A 107 -16.24 -2.20 -0.66
CA VAL A 107 -17.54 -1.76 -1.16
C VAL A 107 -18.18 -0.67 -0.32
N ASP A 108 -17.41 -0.02 0.56
CA ASP A 108 -17.98 1.08 1.33
C ASP A 108 -18.52 2.12 0.37
N GLY A 109 -17.77 2.40 -0.69
CA GLY A 109 -18.16 3.40 -1.67
C GLY A 109 -19.45 3.05 -2.40
N ALA A 110 -19.51 1.82 -2.92
CA ALA A 110 -20.71 1.37 -3.60
C ALA A 110 -21.90 1.38 -2.66
N GLY A 111 -21.68 1.02 -1.41
CA GLY A 111 -22.76 1.05 -0.44
C GLY A 111 -23.31 2.45 -0.32
N PHE A 112 -22.41 3.42 -0.17
CA PHE A 112 -22.80 4.84 -0.09
C PHE A 112 -23.59 5.32 -1.31
N LEU A 113 -23.12 4.99 -2.51
CA LEU A 113 -23.81 5.36 -3.73
C LEU A 113 -25.20 4.72 -3.80
N GLY A 114 -25.29 3.45 -3.40
CA GLY A 114 -26.55 2.75 -3.43
C GLY A 114 -27.58 3.50 -2.63
N ALA A 115 -27.24 3.86 -1.40
CA ALA A 115 -28.17 4.60 -0.57
C ALA A 115 -28.46 5.93 -1.24
N ALA A 116 -27.44 6.58 -1.76
CA ALA A 116 -27.62 7.88 -2.37
C ALA A 116 -28.63 7.78 -3.52
N HIS A 117 -28.54 6.73 -4.30
CA HIS A 117 -29.44 6.57 -5.44
C HIS A 117 -30.90 6.54 -4.97
N LYS A 118 -31.15 5.81 -3.90
CA LYS A 118 -32.50 5.71 -3.35
C LYS A 118 -33.03 7.08 -2.93
N HIS A 119 -32.13 8.00 -2.59
CA HIS A 119 -32.54 9.36 -2.27
C HIS A 119 -32.57 10.24 -3.50
N GLY A 120 -32.46 9.61 -4.66
CA GLY A 120 -32.55 10.34 -5.91
C GLY A 120 -31.29 11.11 -6.28
N PHE A 121 -30.15 10.73 -5.71
CA PHE A 121 -28.89 11.41 -6.05
C PHE A 121 -28.08 10.69 -7.11
N GLU A 122 -27.93 11.32 -8.27
CA GLU A 122 -27.11 10.81 -9.36
C GLU A 122 -25.82 11.63 -9.45
N PRO A 123 -24.66 10.98 -9.28
CA PRO A 123 -23.40 11.73 -9.11
C PRO A 123 -22.92 12.48 -10.35
N ALA A 124 -23.20 11.96 -11.54
CA ALA A 124 -22.61 12.52 -12.76
C ALA A 124 -22.83 14.02 -12.86
N GLY A 125 -21.72 14.76 -12.95
CA GLY A 125 -21.78 16.20 -13.15
C GLY A 125 -22.05 17.04 -11.91
N LYS A 126 -22.12 16.44 -10.72
CA LYS A 126 -22.44 17.21 -9.53
C LYS A 126 -21.20 17.65 -8.74
N ARG A 127 -21.45 18.26 -7.57
CA ARG A 127 -20.40 18.75 -6.69
C ARG A 127 -20.65 18.25 -5.28
N ALA A 128 -19.63 17.61 -4.71
CA ALA A 128 -19.76 17.04 -3.37
C ALA A 128 -18.73 17.60 -2.40
N LEU A 129 -19.11 17.64 -1.13
CA LEU A 129 -18.19 17.99 -0.06
C LEU A 129 -18.05 16.72 0.75
N VAL A 130 -16.82 16.22 0.91
CA VAL A 130 -16.61 15.06 1.77
C VAL A 130 -15.81 15.49 2.98
N ILE A 131 -16.43 15.34 4.16
CA ILE A 131 -15.84 15.74 5.43
C ILE A 131 -15.23 14.50 6.11
N GLY A 132 -13.90 14.40 6.09
CA GLY A 132 -13.25 13.19 6.59
C GLY A 132 -12.52 12.45 5.49
N CYS A 133 -11.20 12.48 5.53
CA CYS A 133 -10.43 11.84 4.48
C CYS A 133 -9.84 10.50 4.91
N GLY A 134 -10.58 9.78 5.75
CA GLY A 134 -10.10 8.51 6.26
C GLY A 134 -10.39 7.34 5.35
N GLY A 135 -10.47 6.15 5.94
CA GLY A 135 -10.74 4.95 5.17
C GLY A 135 -12.09 5.02 4.50
N VAL A 136 -13.11 5.43 5.24
CA VAL A 136 -14.44 5.50 4.66
C VAL A 136 -14.56 6.72 3.74
N GLY A 137 -13.97 7.82 4.15
CA GLY A 137 -14.02 9.03 3.34
C GLY A 137 -13.36 8.87 1.98
N SER A 138 -12.22 8.19 1.94
N SER A 138 -12.22 8.19 1.94
CA SER A 138 -11.54 7.99 0.66
CA SER A 138 -11.52 7.97 0.68
C SER A 138 -12.35 7.06 -0.24
C SER A 138 -12.35 7.07 -0.23
N ALA A 139 -12.94 6.03 0.35
CA ALA A 139 -13.79 5.11 -0.40
C ALA A 139 -14.96 5.86 -1.01
N ILE A 140 -15.56 6.74 -0.21
CA ILE A 140 -16.69 7.52 -0.70
C ILE A 140 -16.24 8.48 -1.82
N ALA A 141 -15.19 9.24 -1.58
CA ALA A 141 -14.70 10.15 -2.62
C ALA A 141 -14.39 9.39 -3.91
N TYR A 142 -13.75 8.23 -3.76
CA TYR A 142 -13.31 7.46 -4.91
C TYR A 142 -14.52 6.94 -5.66
N ALA A 143 -15.56 6.54 -4.94
CA ALA A 143 -16.76 6.05 -5.61
C ALA A 143 -17.45 7.19 -6.35
N LEU A 144 -17.43 8.37 -5.76
CA LEU A 144 -18.03 9.53 -6.38
C LEU A 144 -17.30 9.85 -7.67
N ALA A 145 -15.98 9.75 -7.62
CA ALA A 145 -15.16 10.08 -8.78
C ALA A 145 -15.45 9.08 -9.90
N GLU A 146 -15.40 7.79 -9.59
CA GLU A 146 -15.67 6.78 -10.61
C GLU A 146 -17.04 6.95 -11.24
N ALA A 147 -17.99 7.44 -10.45
CA ALA A 147 -19.36 7.62 -10.93
C ALA A 147 -19.54 8.90 -11.72
N GLY A 148 -18.47 9.67 -11.91
CA GLY A 148 -18.54 10.79 -12.83
C GLY A 148 -18.87 12.13 -12.22
N ILE A 149 -18.72 12.27 -10.91
CA ILE A 149 -18.95 13.53 -10.24
C ILE A 149 -18.03 14.59 -10.87
N ALA A 150 -18.49 15.84 -10.96
CA ALA A 150 -17.70 16.92 -11.55
C ALA A 150 -16.62 17.44 -10.63
N SER A 151 -16.93 17.46 -9.33
CA SER A 151 -16.11 18.21 -8.40
C SER A 151 -16.21 17.59 -7.02
N ILE A 152 -15.07 17.44 -6.35
CA ILE A 152 -15.03 16.99 -4.97
C ILE A 152 -14.19 17.94 -4.13
N THR A 153 -14.79 18.44 -3.06
CA THR A 153 -14.12 19.32 -2.11
C THR A 153 -13.94 18.50 -0.85
N LEU A 154 -12.80 18.65 -0.18
CA LEU A 154 -12.44 17.80 0.94
C LEU A 154 -12.21 18.61 2.21
N CYS A 155 -12.49 18.02 3.36
CA CYS A 155 -12.14 18.63 4.66
C CYS A 155 -11.61 17.57 5.63
N ASP A 156 -10.50 17.87 6.28
CA ASP A 156 -9.93 16.98 7.28
C ASP A 156 -8.83 17.74 8.01
N PRO A 157 -8.86 17.71 9.34
CA PRO A 157 -7.82 18.39 10.12
C PRO A 157 -6.44 17.77 9.83
N SER A 158 -6.44 16.51 9.39
CA SER A 158 -5.20 15.86 9.02
C SER A 158 -4.77 16.28 7.61
N THR A 159 -3.74 17.13 7.56
CA THR A 159 -3.22 17.66 6.31
C THR A 159 -2.68 16.50 5.47
N ALA A 160 -2.06 15.56 6.15
CA ALA A 160 -1.44 14.44 5.46
C ALA A 160 -2.52 13.61 4.78
N ARG A 161 -3.62 13.35 5.48
CA ARG A 161 -4.64 12.49 4.87
C ARG A 161 -5.42 13.22 3.81
N MET A 162 -5.62 14.52 3.99
CA MET A 162 -6.27 15.30 2.94
C MET A 162 -5.42 15.30 1.65
N GLY A 163 -4.10 15.43 1.82
CA GLY A 163 -3.20 15.46 0.68
C GLY A 163 -3.12 14.09 0.01
N ALA A 164 -3.24 13.03 0.80
CA ALA A 164 -3.24 11.70 0.22
C ALA A 164 -4.49 11.48 -0.63
N VAL A 165 -5.65 11.95 -0.17
CA VAL A 165 -6.85 11.83 -0.97
C VAL A 165 -6.85 12.81 -2.18
N CYS A 166 -6.30 14.02 -2.01
CA CYS A 166 -6.08 14.88 -3.17
C CYS A 166 -5.34 14.11 -4.26
N GLU A 167 -4.29 13.40 -3.85
CA GLU A 167 -3.44 12.70 -4.82
C GLU A 167 -4.16 11.51 -5.46
N LEU A 168 -4.80 10.71 -4.62
CA LEU A 168 -5.59 9.58 -5.09
C LEU A 168 -6.53 10.06 -6.22
N LEU A 169 -7.36 11.04 -5.90
CA LEU A 169 -8.33 11.57 -6.85
C LEU A 169 -7.67 12.26 -8.03
N GLY A 170 -6.70 13.12 -7.74
CA GLY A 170 -6.08 13.95 -8.77
C GLY A 170 -5.50 13.14 -9.90
N ASN A 171 -4.82 12.06 -9.55
N ASN A 171 -4.78 12.08 -9.54
CA ASN A 171 -4.15 11.25 -10.56
CA ASN A 171 -4.16 11.21 -10.54
C ASN A 171 -4.94 9.97 -10.94
C ASN A 171 -5.14 10.21 -11.13
N GLY A 172 -6.11 9.78 -10.32
CA GLY A 172 -7.04 8.75 -10.72
C GLY A 172 -8.03 9.27 -11.76
N PHE A 173 -8.32 10.57 -11.71
CA PHE A 173 -9.40 11.14 -12.47
C PHE A 173 -9.04 12.55 -12.95
N PRO A 174 -8.34 12.63 -14.09
CA PRO A 174 -7.85 13.88 -14.70
C PRO A 174 -9.00 14.86 -15.01
N GLY A 175 -10.18 14.34 -15.31
CA GLY A 175 -11.33 15.17 -15.61
C GLY A 175 -12.18 15.46 -14.40
N LEU A 176 -11.55 15.46 -13.23
CA LEU A 176 -12.25 15.74 -11.97
C LEU A 176 -11.58 16.86 -11.19
N THR A 177 -12.36 17.87 -10.83
CA THR A 177 -11.84 19.00 -10.07
C THR A 177 -11.85 18.71 -8.57
N VAL A 178 -10.70 18.87 -7.94
CA VAL A 178 -10.57 18.63 -6.51
C VAL A 178 -10.17 19.91 -5.82
N SER A 179 -10.62 20.08 -4.59
CA SER A 179 -10.35 21.30 -3.84
C SER A 179 -10.45 21.05 -2.34
N THR A 180 -9.82 21.95 -1.57
CA THR A 180 -9.84 21.86 -0.12
C THR A 180 -10.22 23.23 0.41
N GLN A 181 -10.72 24.08 -0.47
CA GLN A 181 -11.03 25.46 -0.09
C GLN A 181 -12.43 25.87 -0.54
N PHE A 182 -13.19 26.43 0.39
CA PHE A 182 -14.58 26.81 0.17
C PHE A 182 -15.05 27.69 1.32
N SER A 183 -16.01 28.57 1.06
CA SER A 183 -16.49 29.45 2.12
C SER A 183 -17.98 29.30 2.43
N GLY A 184 -18.66 28.43 1.70
CA GLY A 184 -20.06 28.15 2.00
C GLY A 184 -20.42 26.75 1.57
N LEU A 185 -21.64 26.32 1.85
CA LEU A 185 -22.14 25.01 1.42
C LEU A 185 -23.15 25.16 0.27
N GLU A 186 -23.35 26.40 -0.19
CA GLU A 186 -24.44 26.71 -1.11
C GLU A 186 -24.35 25.90 -2.39
N ASP A 187 -23.13 25.60 -2.81
CA ASP A 187 -22.89 25.10 -4.14
C ASP A 187 -22.55 23.60 -4.17
N PHE A 188 -22.79 22.91 -3.05
CA PHE A 188 -22.68 21.45 -3.01
C PHE A 188 -24.02 20.75 -3.21
N ASP A 189 -24.06 19.82 -4.16
CA ASP A 189 -25.23 18.96 -4.37
C ASP A 189 -25.31 17.87 -3.29
N LEU A 190 -24.16 17.53 -2.73
CA LEU A 190 -24.07 16.51 -1.70
C LEU A 190 -23.09 16.98 -0.64
N VAL A 191 -23.48 16.86 0.62
CA VAL A 191 -22.55 17.08 1.72
C VAL A 191 -22.51 15.80 2.55
N ALA A 192 -21.34 15.19 2.65
CA ALA A 192 -21.23 13.89 3.31
C ALA A 192 -20.26 13.94 4.49
N ASN A 193 -20.75 13.63 5.68
CA ASN A 193 -19.82 13.42 6.78
C ASN A 193 -19.26 12.01 6.77
N ALA A 194 -17.93 11.90 6.66
CA ALA A 194 -17.28 10.59 6.76
C ALA A 194 -16.31 10.54 7.94
N SER A 195 -16.59 11.36 8.96
CA SER A 195 -15.72 11.44 10.13
C SER A 195 -16.41 10.83 11.34
N PRO A 196 -15.69 10.64 12.45
CA PRO A 196 -16.30 10.12 13.67
C PRO A 196 -17.17 11.18 14.33
N VAL A 197 -17.03 12.42 13.89
CA VAL A 197 -17.82 13.50 14.50
C VAL A 197 -19.31 13.30 14.22
N GLY A 198 -20.09 13.25 15.30
CA GLY A 198 -21.51 12.92 15.20
C GLY A 198 -21.88 11.67 15.99
N MET A 199 -20.88 10.86 16.32
CA MET A 199 -21.08 9.63 17.07
C MET A 199 -21.44 9.85 18.54
N GLY A 200 -22.30 8.97 19.06
CA GLY A 200 -22.43 8.80 20.49
C GLY A 200 -23.40 9.74 21.18
N THR A 201 -23.56 9.53 22.48
CA THR A 201 -24.62 10.21 23.23
C THR A 201 -24.28 11.66 23.57
N ARG A 202 -23.08 12.09 23.17
CA ARG A 202 -22.66 13.49 23.32
C ARG A 202 -22.30 14.05 21.95
N ALA A 203 -23.14 13.76 20.95
CA ALA A 203 -22.80 13.98 19.55
C ALA A 203 -22.54 15.45 19.22
N GLU A 204 -21.47 15.69 18.47
CA GLU A 204 -21.11 17.06 18.09
C GLU A 204 -21.24 17.23 16.58
N LEU A 205 -21.00 18.45 16.09
CA LEU A 205 -21.08 18.75 14.66
C LEU A 205 -19.71 18.98 14.05
N PRO A 206 -19.48 18.45 12.84
CA PRO A 206 -18.19 18.62 12.15
C PRO A 206 -18.03 20.00 11.48
N LEU A 207 -19.10 20.76 11.37
CA LEU A 207 -19.04 22.07 10.69
C LEU A 207 -19.46 23.23 11.61
N SER A 208 -18.82 24.38 11.45
CA SER A 208 -19.18 25.56 12.23
C SER A 208 -20.62 26.00 11.96
N ALA A 209 -21.20 26.74 12.90
CA ALA A 209 -22.54 27.29 12.70
C ALA A 209 -22.61 28.19 11.46
N ALA A 210 -21.54 28.95 11.21
CA ALA A 210 -21.54 29.82 10.05
C ALA A 210 -21.72 29.02 8.76
N LEU A 211 -21.00 27.91 8.61
CA LEU A 211 -21.12 27.11 7.39
C LEU A 211 -22.50 26.50 7.30
N LEU A 212 -22.95 25.90 8.39
CA LEU A 212 -24.28 25.28 8.44
C LEU A 212 -25.38 26.23 8.06
N ALA A 213 -25.23 27.50 8.42
CA ALA A 213 -26.26 28.48 8.09
C ALA A 213 -26.41 28.60 6.57
N THR A 214 -25.37 28.25 5.83
CA THR A 214 -25.41 28.37 4.37
C THR A 214 -25.97 27.13 3.68
N LEU A 215 -26.38 26.14 4.47
CA LEU A 215 -26.93 24.89 3.90
C LEU A 215 -28.22 25.16 3.12
N GLN A 216 -28.31 24.67 1.88
CA GLN A 216 -29.51 24.85 1.06
C GLN A 216 -30.40 23.61 1.02
N PRO A 217 -31.73 23.80 0.91
CA PRO A 217 -32.69 22.70 0.95
C PRO A 217 -32.50 21.61 -0.11
N ASP A 218 -32.07 21.99 -1.31
CA ASP A 218 -32.02 21.02 -2.41
C ASP A 218 -30.86 20.02 -2.29
N THR A 219 -30.01 20.22 -1.30
CA THR A 219 -28.80 19.41 -1.12
C THR A 219 -29.13 18.10 -0.44
N LEU A 220 -28.44 17.02 -0.83
CA LEU A 220 -28.51 15.78 -0.06
C LEU A 220 -27.44 15.83 1.02
N VAL A 221 -27.83 15.63 2.27
CA VAL A 221 -26.86 15.59 3.34
C VAL A 221 -26.77 14.17 3.87
N ALA A 222 -25.57 13.61 3.86
CA ALA A 222 -25.38 12.20 4.25
C ALA A 222 -24.37 12.05 5.37
N ASP A 223 -24.52 10.99 6.16
CA ASP A 223 -23.66 10.72 7.30
C ASP A 223 -23.36 9.23 7.40
N VAL A 224 -22.13 8.90 7.77
CA VAL A 224 -21.73 7.51 7.90
C VAL A 224 -21.95 7.00 9.31
N VAL A 225 -22.12 7.91 10.26
CA VAL A 225 -22.27 7.53 11.65
C VAL A 225 -23.50 6.64 11.86
N THR A 226 -23.36 5.57 12.62
CA THR A 226 -24.47 4.67 12.83
C THR A 226 -25.21 4.86 14.16
N SER A 227 -24.55 5.45 15.15
CA SER A 227 -25.19 5.73 16.44
C SER A 227 -24.74 7.08 16.98
N PRO A 228 -25.66 8.07 17.04
CA PRO A 228 -27.08 7.97 16.69
C PRO A 228 -27.29 7.88 15.18
N GLU A 229 -28.42 7.29 14.81
CA GLU A 229 -28.81 7.24 13.41
C GLU A 229 -28.97 8.65 12.87
N ILE A 230 -29.51 9.54 13.68
CA ILE A 230 -29.68 10.94 13.30
C ILE A 230 -28.71 11.83 14.06
N THR A 231 -27.66 12.24 13.38
CA THR A 231 -26.62 13.03 13.99
C THR A 231 -27.04 14.49 14.10
N PRO A 232 -26.37 15.25 14.97
CA PRO A 232 -26.68 16.68 14.94
C PRO A 232 -26.64 17.20 13.51
N LEU A 233 -25.69 16.71 12.70
CA LEU A 233 -25.58 17.17 11.30
C LEU A 233 -26.85 16.91 10.52
N LEU A 234 -27.36 15.68 10.58
CA LEU A 234 -28.57 15.29 9.89
C LEU A 234 -29.79 15.99 10.47
N ASN A 235 -29.83 16.15 11.79
CA ASN A 235 -30.97 16.80 12.41
C ASN A 235 -31.13 18.22 11.87
N ARG A 236 -30.02 18.93 11.73
CA ARG A 236 -30.07 20.29 11.19
C ARG A 236 -30.43 20.30 9.71
N ALA A 237 -29.89 19.35 8.95
CA ALA A 237 -30.18 19.26 7.53
C ALA A 237 -31.68 19.03 7.33
N ARG A 238 -32.24 18.12 8.11
CA ARG A 238 -33.65 17.81 7.99
C ARG A 238 -34.50 19.04 8.32
N GLN A 239 -34.11 19.76 9.38
CA GLN A 239 -34.80 20.98 9.78
C GLN A 239 -34.79 22.05 8.69
N VAL A 240 -33.85 21.94 7.76
CA VAL A 240 -33.73 22.94 6.70
C VAL A 240 -34.48 22.44 5.45
N GLY A 241 -34.89 21.18 5.47
CA GLY A 241 -35.67 20.62 4.37
C GLY A 241 -34.87 19.81 3.37
N CYS A 242 -33.61 19.52 3.69
CA CYS A 242 -32.77 18.70 2.81
C CYS A 242 -33.19 17.27 2.93
N ARG A 243 -32.99 16.50 1.87
CA ARG A 243 -33.05 15.06 1.97
C ARG A 243 -31.88 14.65 2.84
N ILE A 244 -32.05 13.60 3.62
CA ILE A 244 -30.95 13.12 4.44
C ILE A 244 -30.76 11.63 4.28
N GLN A 245 -29.50 11.21 4.40
CA GLN A 245 -29.09 9.83 4.30
C GLN A 245 -28.29 9.44 5.53
N THR A 246 -28.65 8.32 6.15
CA THR A 246 -28.07 7.94 7.43
C THR A 246 -27.02 6.86 7.31
N GLY A 247 -26.24 6.69 8.37
CA GLY A 247 -25.25 5.63 8.44
C GLY A 247 -25.86 4.25 8.30
N PRO A 248 -26.94 3.96 9.03
CA PRO A 248 -27.55 2.65 8.86
C PRO A 248 -28.01 2.39 7.41
N GLU A 249 -28.47 3.42 6.70
CA GLU A 249 -28.88 3.26 5.30
C GLU A 249 -27.70 2.82 4.45
N MET A 250 -26.56 3.48 4.62
CA MET A 250 -25.35 3.10 3.91
C MET A 250 -24.90 1.70 4.25
N ALA A 251 -24.89 1.36 5.55
CA ALA A 251 -24.48 0.01 5.94
C ALA A 251 -25.37 -1.05 5.29
N PHE A 252 -26.68 -0.79 5.29
CA PHE A 252 -27.63 -1.76 4.77
C PHE A 252 -27.54 -1.89 3.27
N ALA A 253 -27.26 -0.79 2.59
CA ALA A 253 -27.13 -0.80 1.13
C ALA A 253 -25.92 -1.60 0.70
N GLN A 254 -25.01 -1.84 1.64
CA GLN A 254 -23.79 -2.59 1.35
C GLN A 254 -24.06 -4.10 1.41
N LEU A 255 -24.66 -4.54 2.51
CA LEU A 255 -24.97 -5.95 2.68
C LEU A 255 -25.25 -6.60 1.33
N GLY A 256 -25.84 -5.83 0.42
CA GLY A 256 -26.16 -6.32 -0.91
C GLY A 256 -24.94 -6.54 -1.79
N HIS A 257 -23.89 -5.76 -1.57
CA HIS A 257 -22.67 -5.87 -2.34
C HIS A 257 -21.71 -6.89 -1.73
N LEU A 258 -21.66 -6.92 -0.39
CA LEU A 258 -20.78 -7.83 0.32
C LEU A 258 -21.19 -9.24 -0.03
N GLY A 259 -22.49 -9.46 -0.05
CA GLY A 259 -23.04 -10.79 -0.30
C GLY A 259 -22.71 -11.27 -1.68
N ALA A 260 -22.82 -10.37 -2.66
CA ALA A 260 -22.53 -10.72 -4.04
C ALA A 260 -21.05 -10.95 -4.27
N PHE A 261 -20.20 -10.13 -3.66
CA PHE A 261 -18.78 -10.35 -3.79
C PHE A 261 -18.40 -11.69 -3.17
N MET A 262 -19.08 -12.06 -2.09
CA MET A 262 -18.80 -13.35 -1.46
C MET A 262 -19.45 -14.51 -2.20
N GLY A 263 -20.40 -14.18 -3.08
CA GLY A 263 -21.12 -15.19 -3.83
C GLY A 263 -22.09 -15.96 -2.95
N VAL A 264 -22.94 -15.23 -2.24
CA VAL A 264 -23.82 -15.79 -1.24
C VAL A 264 -25.18 -15.10 -1.32
N THR A 265 -25.18 -13.94 -1.95
CA THR A 265 -26.33 -13.08 -2.05
C THR A 265 -26.28 -12.44 -3.44
N PRO A 266 -27.44 -12.14 -4.02
CA PRO A 266 -27.44 -11.48 -5.34
C PRO A 266 -27.19 -9.99 -5.19
N LEU A 267 -27.00 -9.27 -6.27
CA LEU A 267 -26.76 -7.88 -6.08
C LEU A 267 -27.92 -7.15 -5.41
N GLU A 268 -29.18 -7.52 -5.71
CA GLU A 268 -30.33 -6.95 -5.00
C GLU A 268 -30.44 -5.45 -5.22
N ARG B 3 11.22 -32.89 4.20
N ARG B 3 11.23 -32.83 4.53
CA ARG B 3 12.24 -31.94 4.64
CA ARG B 3 12.30 -31.83 4.58
C ARG B 3 13.65 -32.38 4.25
C ARG B 3 13.59 -32.38 3.98
N GLY B 4 13.82 -33.68 4.08
CA GLY B 4 15.09 -34.24 3.66
C GLY B 4 15.33 -33.91 2.20
N SER B 5 14.23 -33.75 1.48
CA SER B 5 14.24 -33.52 0.05
C SER B 5 14.14 -32.04 -0.28
N THR B 6 13.77 -31.24 0.71
CA THR B 6 13.62 -29.80 0.55
C THR B 6 14.83 -29.12 -0.09
N GLU B 7 14.59 -28.33 -1.14
CA GLU B 7 15.66 -27.54 -1.73
C GLU B 7 15.72 -26.20 -1.02
N LEU B 8 16.87 -25.53 -1.06
CA LEU B 8 17.09 -24.39 -0.17
C LEU B 8 17.65 -23.15 -0.84
N VAL B 9 17.27 -22.00 -0.29
CA VAL B 9 17.99 -20.74 -0.52
C VAL B 9 18.38 -20.20 0.83
N ALA B 10 19.35 -19.30 0.87
CA ALA B 10 19.80 -18.72 2.11
C ALA B 10 19.86 -17.21 1.99
N ILE B 11 20.17 -16.59 3.12
CA ILE B 11 20.53 -15.19 3.14
C ILE B 11 21.71 -15.08 4.11
N VAL B 12 22.76 -14.39 3.70
CA VAL B 12 23.98 -14.36 4.49
C VAL B 12 24.35 -12.92 4.81
N GLY B 13 24.87 -12.72 6.01
CA GLY B 13 25.26 -11.41 6.49
C GLY B 13 25.60 -11.53 7.95
N SER B 14 25.94 -10.42 8.58
CA SER B 14 26.13 -10.39 10.04
C SER B 14 25.97 -8.98 10.57
N PRO B 15 25.03 -8.79 11.52
CA PRO B 15 24.19 -9.83 12.10
C PRO B 15 23.03 -10.23 11.18
N ILE B 16 22.28 -11.26 11.55
CA ILE B 16 21.22 -11.76 10.68
C ILE B 16 19.85 -11.83 11.33
N ALA B 17 19.78 -11.67 12.65
CA ALA B 17 18.51 -11.86 13.36
C ALA B 17 17.36 -10.97 12.86
N GLN B 18 17.72 -9.83 12.30
CA GLN B 18 16.74 -8.80 11.96
C GLN B 18 16.11 -8.95 10.57
N VAL B 19 16.70 -9.78 9.70
CA VAL B 19 16.23 -9.85 8.33
C VAL B 19 14.81 -10.42 8.21
N LYS B 20 14.13 -10.03 7.14
CA LYS B 20 12.72 -10.34 6.95
C LYS B 20 12.50 -11.31 5.80
N SER B 21 13.51 -11.45 4.94
CA SER B 21 13.44 -12.34 3.76
C SER B 21 12.99 -13.76 4.07
N PRO B 22 13.53 -14.36 5.15
CA PRO B 22 13.15 -15.74 5.48
C PRO B 22 11.64 -15.92 5.62
N GLN B 23 11.01 -15.14 6.49
CA GLN B 23 9.55 -15.21 6.63
C GLN B 23 8.82 -14.87 5.35
N ASN B 24 9.31 -13.83 4.66
CA ASN B 24 8.67 -13.41 3.42
C ASN B 24 8.72 -14.49 2.37
N PHE B 25 9.91 -15.08 2.19
CA PHE B 25 10.06 -16.17 1.24
C PHE B 25 9.32 -17.44 1.69
N ASN B 26 9.39 -17.75 2.97
CA ASN B 26 8.80 -18.99 3.47
C ASN B 26 7.27 -18.97 3.47
N THR B 27 6.71 -17.78 3.67
CA THR B 27 5.26 -17.58 3.55
C THR B 27 4.80 -17.82 2.13
N TRP B 28 5.56 -17.30 1.17
CA TRP B 28 5.25 -17.48 -0.24
C TRP B 28 5.41 -18.95 -0.66
N PHE B 29 6.50 -19.58 -0.25
CA PHE B 29 6.74 -20.99 -0.54
C PHE B 29 5.58 -21.82 0.02
N ASN B 30 5.20 -21.52 1.25
CA ASN B 30 4.13 -22.22 1.95
C ASN B 30 2.77 -22.05 1.27
N HIS B 31 2.47 -20.82 0.83
CA HIS B 31 1.21 -20.54 0.17
C HIS B 31 1.10 -21.27 -1.14
N ASN B 32 2.19 -21.23 -1.91
CA ASN B 32 2.27 -22.06 -3.09
C ASN B 32 2.72 -23.42 -2.61
N ASN B 33 2.89 -24.39 -3.49
CA ASN B 33 3.13 -25.73 -2.96
C ASN B 33 4.59 -26.11 -2.80
N CYS B 34 5.43 -25.09 -2.70
CA CYS B 34 6.87 -25.29 -2.78
C CYS B 34 7.58 -26.13 -1.73
N ASN B 35 8.35 -27.12 -2.21
CA ASN B 35 9.22 -27.87 -1.33
C ASN B 35 10.56 -27.13 -1.23
N LEU B 36 10.49 -25.89 -0.74
CA LEU B 36 11.63 -24.97 -0.71
C LEU B 36 11.57 -24.24 0.60
N ALA B 37 12.72 -23.74 1.08
CA ALA B 37 12.79 -22.93 2.29
C ALA B 37 13.98 -21.99 2.24
N MET B 38 13.86 -20.85 2.91
CA MET B 38 15.00 -19.95 3.08
C MET B 38 15.50 -19.98 4.53
N LEU B 39 16.81 -20.14 4.70
CA LEU B 39 17.41 -20.13 6.02
C LEU B 39 18.32 -18.92 6.17
N PRO B 40 18.38 -18.36 7.38
CA PRO B 40 19.30 -17.26 7.71
C PRO B 40 20.69 -17.75 8.10
N ILE B 41 21.74 -17.08 7.61
CA ILE B 41 23.11 -17.43 7.96
C ILE B 41 23.88 -16.23 8.48
N ASP B 42 24.15 -16.22 9.78
CA ASP B 42 25.02 -15.22 10.36
C ASP B 42 26.45 -15.70 10.26
N LEU B 43 27.17 -15.23 9.26
CA LEU B 43 28.51 -15.72 8.98
C LEU B 43 29.55 -14.77 9.49
N HIS B 44 30.51 -15.30 10.22
CA HIS B 44 31.61 -14.51 10.72
C HIS B 44 32.50 -14.15 9.55
N GLU B 45 32.91 -12.88 9.50
CA GLU B 45 33.72 -12.35 8.39
C GLU B 45 34.90 -13.26 8.02
N ALA B 46 35.44 -13.96 9.01
CA ALA B 46 36.63 -14.78 8.82
C ALA B 46 36.39 -16.00 7.92
N ALA B 47 35.12 -16.32 7.68
CA ALA B 47 34.84 -17.55 6.94
C ALA B 47 34.36 -17.25 5.53
N LEU B 48 34.44 -15.99 5.11
CA LEU B 48 33.92 -15.57 3.82
C LEU B 48 34.44 -16.41 2.67
N ASP B 49 35.75 -16.60 2.61
CA ASP B 49 36.32 -17.34 1.51
C ASP B 49 35.82 -18.77 1.46
N SER B 50 35.73 -19.41 2.62
CA SER B 50 35.23 -20.77 2.66
C SER B 50 33.74 -20.84 2.29
N PHE B 51 32.98 -19.84 2.71
CA PHE B 51 31.53 -19.85 2.50
C PHE B 51 31.19 -19.92 1.01
N ALA B 52 31.88 -19.10 0.21
CA ALA B 52 31.70 -19.12 -1.23
C ALA B 52 31.93 -20.53 -1.80
N ASP B 53 33.05 -21.16 -1.43
CA ASP B 53 33.35 -22.52 -1.88
C ASP B 53 32.34 -23.54 -1.35
N THR B 54 31.89 -23.35 -0.12
CA THR B 54 30.86 -24.22 0.41
C THR B 54 29.60 -24.13 -0.45
N LEU B 55 29.24 -22.91 -0.82
CA LEU B 55 28.10 -22.69 -1.71
C LEU B 55 28.28 -23.49 -3.00
N ARG B 56 29.49 -23.51 -3.53
CA ARG B 56 29.72 -24.22 -4.77
C ARG B 56 29.45 -25.72 -4.60
N GLY B 57 29.71 -26.24 -3.41
CA GLY B 57 29.51 -27.67 -3.20
C GLY B 57 28.14 -28.03 -2.63
N TRP B 58 27.34 -27.01 -2.37
CA TRP B 58 26.06 -27.19 -1.69
C TRP B 58 24.97 -27.49 -2.73
N GLN B 59 24.73 -28.76 -2.96
CA GLN B 59 24.05 -29.18 -4.18
C GLN B 59 22.54 -29.06 -4.14
N ASN B 60 21.97 -29.01 -2.93
CA ASN B 60 20.54 -28.77 -2.81
C ASN B 60 20.21 -27.30 -2.53
N LEU B 61 21.18 -26.41 -2.72
CA LEU B 61 20.94 -24.97 -2.58
C LEU B 61 20.78 -24.32 -3.96
N ARG B 62 19.72 -23.52 -4.12
CA ARG B 62 19.45 -22.80 -5.36
C ARG B 62 20.12 -21.44 -5.43
N GLY B 63 20.18 -20.75 -4.31
CA GLY B 63 20.74 -19.41 -4.32
C GLY B 63 20.88 -18.84 -2.93
N CYS B 64 21.40 -17.62 -2.85
CA CYS B 64 21.65 -17.02 -1.56
C CYS B 64 21.51 -15.49 -1.63
N VAL B 65 20.70 -14.91 -0.75
CA VAL B 65 20.59 -13.46 -0.70
C VAL B 65 21.80 -12.94 0.05
N VAL B 66 22.36 -11.83 -0.40
CA VAL B 66 23.49 -11.22 0.29
C VAL B 66 23.12 -9.87 0.93
N THR B 67 23.36 -9.73 2.23
CA THR B 67 23.11 -8.46 2.91
C THR B 67 24.37 -7.94 3.57
N VAL B 68 24.27 -6.89 4.38
CA VAL B 68 25.48 -6.30 4.96
C VAL B 68 26.11 -7.27 5.96
N PRO B 69 27.45 -7.25 6.05
CA PRO B 69 28.37 -6.36 5.34
C PRO B 69 29.08 -7.03 4.19
N TYR B 70 28.40 -7.90 3.46
CA TYR B 70 29.11 -8.78 2.53
C TYR B 70 28.82 -8.51 1.06
N LYS B 71 28.10 -7.43 0.76
CA LYS B 71 27.67 -7.19 -0.62
C LYS B 71 28.83 -7.05 -1.58
N GLN B 72 29.85 -6.29 -1.21
CA GLN B 72 30.99 -6.11 -2.09
C GLN B 72 31.93 -7.32 -2.03
N ALA B 73 32.18 -7.82 -0.84
CA ALA B 73 33.05 -8.99 -0.66
C ALA B 73 32.62 -10.18 -1.50
N LEU B 74 31.34 -10.53 -1.47
CA LEU B 74 30.90 -11.73 -2.20
C LEU B 74 30.80 -11.46 -3.69
N ALA B 75 30.56 -10.21 -4.04
CA ALA B 75 30.62 -9.85 -5.45
C ALA B 75 32.02 -10.17 -6.00
N ASN B 76 33.04 -10.02 -5.18
CA ASN B 76 34.41 -10.27 -5.62
C ASN B 76 34.77 -11.74 -5.66
N ARG B 77 33.87 -12.59 -5.20
CA ARG B 77 34.19 -14.00 -4.99
C ARG B 77 33.34 -14.97 -5.80
N VAL B 78 32.31 -14.47 -6.45
CA VAL B 78 31.44 -15.34 -7.24
C VAL B 78 32.07 -15.56 -8.60
N ASP B 79 31.47 -16.40 -9.43
CA ASP B 79 32.12 -16.77 -10.69
C ASP B 79 31.70 -15.88 -11.85
N GLY B 80 30.49 -15.34 -11.76
CA GLY B 80 29.94 -14.51 -12.80
C GLY B 80 29.12 -13.37 -12.22
N LEU B 81 29.27 -12.19 -12.81
CA LEU B 81 28.57 -10.98 -12.38
C LEU B 81 27.77 -10.36 -13.51
N SER B 82 26.52 -10.03 -13.22
CA SER B 82 25.71 -9.22 -14.09
C SER B 82 26.44 -7.90 -14.38
N GLU B 83 26.11 -7.27 -15.52
CA GLU B 83 26.78 -6.04 -15.91
C GLU B 83 26.69 -4.98 -14.81
N ARG B 84 25.49 -4.77 -14.27
CA ARG B 84 25.32 -3.76 -13.22
C ARG B 84 26.06 -4.12 -11.93
N ALA B 85 26.02 -5.39 -11.54
CA ALA B 85 26.72 -5.80 -10.33
C ALA B 85 28.21 -5.51 -10.47
N ALA B 86 28.78 -5.86 -11.62
CA ALA B 86 30.17 -5.53 -11.89
C ALA B 86 30.40 -4.02 -11.79
N ALA B 87 29.50 -3.24 -12.37
CA ALA B 87 29.70 -1.79 -12.39
C ALA B 87 29.61 -1.24 -10.99
N LEU B 88 28.67 -1.78 -10.22
CA LEU B 88 28.46 -1.36 -8.83
C LEU B 88 29.48 -1.95 -7.89
N GLY B 89 30.08 -3.07 -8.31
CA GLY B 89 31.03 -3.78 -7.47
C GLY B 89 30.38 -4.33 -6.23
N SER B 90 29.10 -4.67 -6.32
CA SER B 90 28.42 -5.32 -5.20
C SER B 90 27.24 -6.16 -5.67
N ILE B 91 26.90 -7.17 -4.89
CA ILE B 91 25.76 -8.02 -5.17
C ILE B 91 24.87 -8.12 -3.95
N ASN B 92 23.58 -8.35 -4.18
CA ASN B 92 22.72 -8.73 -3.08
C ASN B 92 22.05 -10.08 -3.33
N VAL B 93 22.47 -10.78 -4.37
CA VAL B 93 21.88 -12.09 -4.62
C VAL B 93 22.77 -12.97 -5.49
N ILE B 94 22.80 -14.26 -5.14
CA ILE B 94 23.56 -15.26 -5.86
C ILE B 94 22.68 -16.41 -6.31
N ARG B 95 22.79 -16.78 -7.57
CA ARG B 95 22.26 -18.07 -8.04
C ARG B 95 23.38 -19.11 -8.12
N ARG B 96 23.13 -20.29 -7.56
CA ARG B 96 24.06 -21.40 -7.74
C ARG B 96 23.55 -22.23 -8.90
N GLU B 97 24.39 -22.39 -9.91
CA GLU B 97 24.01 -23.20 -11.06
C GLU B 97 24.13 -24.68 -10.72
N ARG B 98 23.51 -25.52 -11.54
CA ARG B 98 23.58 -26.97 -11.40
C ARG B 98 24.99 -27.45 -11.13
N ASP B 99 25.96 -26.88 -11.86
CA ASP B 99 27.35 -27.33 -11.75
C ASP B 99 28.15 -26.61 -10.65
N GLY B 100 27.47 -25.81 -9.84
CA GLY B 100 28.14 -25.15 -8.73
C GLY B 100 28.68 -23.75 -8.99
N ARG B 101 28.57 -23.26 -10.21
CA ARG B 101 29.05 -21.91 -10.48
C ARG B 101 28.16 -20.84 -9.84
N LEU B 102 28.78 -19.85 -9.22
CA LEU B 102 28.05 -18.80 -8.52
C LEU B 102 27.85 -17.57 -9.40
N LEU B 103 26.60 -17.24 -9.69
CA LEU B 103 26.29 -16.03 -10.45
C LEU B 103 25.71 -14.95 -9.53
N GLY B 104 26.17 -13.73 -9.70
CA GLY B 104 25.77 -12.63 -8.84
C GLY B 104 25.09 -11.50 -9.59
N ASP B 105 24.15 -10.85 -8.91
CA ASP B 105 23.47 -9.69 -9.45
C ASP B 105 23.17 -8.77 -8.28
N ASN B 106 22.81 -7.52 -8.59
CA ASN B 106 22.29 -6.59 -7.57
C ASN B 106 20.96 -6.08 -8.05
N VAL B 107 19.92 -6.35 -7.29
CA VAL B 107 18.58 -6.03 -7.76
C VAL B 107 17.90 -4.88 -7.00
N ASP B 108 18.64 -4.18 -6.15
CA ASP B 108 18.05 -3.07 -5.40
C ASP B 108 17.49 -1.99 -6.35
N GLY B 109 18.23 -1.66 -7.40
CA GLY B 109 17.75 -0.72 -8.40
C GLY B 109 16.50 -1.22 -9.11
N ALA B 110 16.55 -2.47 -9.56
CA ALA B 110 15.41 -3.09 -10.25
C ALA B 110 14.18 -3.06 -9.34
N GLY B 111 14.37 -3.45 -8.08
CA GLY B 111 13.29 -3.39 -7.13
C GLY B 111 12.70 -2.00 -7.01
N PHE B 112 13.58 -1.00 -6.82
CA PHE B 112 13.13 0.38 -6.72
C PHE B 112 12.33 0.81 -7.97
N LEU B 113 12.87 0.53 -9.15
CA LEU B 113 12.19 0.90 -10.38
C LEU B 113 10.85 0.16 -10.51
N GLY B 114 10.84 -1.12 -10.16
CA GLY B 114 9.63 -1.91 -10.20
C GLY B 114 8.52 -1.26 -9.40
N ALA B 115 8.83 -0.89 -8.17
CA ALA B 115 7.87 -0.22 -7.31
C ALA B 115 7.45 1.09 -7.95
N ALA B 116 8.43 1.87 -8.39
CA ALA B 116 8.14 3.17 -8.98
C ALA B 116 7.22 3.03 -10.19
N HIS B 117 7.44 1.97 -10.98
CA HIS B 117 6.61 1.72 -12.16
C HIS B 117 5.13 1.51 -11.80
N LYS B 118 4.88 1.00 -10.60
CA LYS B 118 3.52 0.81 -10.15
C LYS B 118 2.94 2.13 -9.71
N HIS B 119 3.79 3.12 -9.47
CA HIS B 119 3.31 4.47 -9.18
C HIS B 119 3.32 5.30 -10.43
N GLY B 120 3.48 4.65 -11.58
CA GLY B 120 3.36 5.30 -12.86
C GLY B 120 4.58 6.08 -13.30
N PHE B 121 5.68 5.95 -12.56
CA PHE B 121 6.88 6.70 -12.90
C PHE B 121 7.62 6.07 -14.07
N GLU B 122 7.76 6.81 -15.17
CA GLU B 122 8.58 6.36 -16.29
C GLU B 122 9.83 7.22 -16.31
N PRO B 123 11.00 6.61 -16.03
CA PRO B 123 12.23 7.38 -15.87
C PRO B 123 12.71 8.12 -17.11
N ALA B 124 12.41 7.60 -18.31
CA ALA B 124 13.03 8.15 -19.53
C ALA B 124 12.84 9.65 -19.64
N GLY B 125 13.94 10.39 -19.66
CA GLY B 125 13.87 11.82 -19.87
C GLY B 125 13.59 12.65 -18.63
N LYS B 126 13.46 12.01 -17.47
CA LYS B 126 13.15 12.77 -16.24
C LYS B 126 14.40 13.19 -15.46
N ARG B 127 14.16 13.83 -14.32
CA ARG B 127 15.22 14.31 -13.43
C ARG B 127 14.93 13.84 -12.02
N ALA B 128 15.98 13.36 -11.35
CA ALA B 128 15.83 12.75 -10.05
C ALA B 128 16.88 13.28 -9.08
N LEU B 129 16.52 13.28 -7.81
CA LEU B 129 17.46 13.54 -6.74
C LEU B 129 17.53 12.26 -5.96
N VAL B 130 18.73 11.71 -5.82
CA VAL B 130 18.94 10.57 -4.96
C VAL B 130 19.69 11.04 -3.71
N ILE B 131 19.10 10.82 -2.54
CA ILE B 131 19.69 11.22 -1.29
C ILE B 131 20.34 10.03 -0.63
N GLY B 132 21.68 10.01 -0.60
CA GLY B 132 22.44 8.85 -0.12
C GLY B 132 23.13 8.09 -1.23
N CYS B 133 24.46 8.18 -1.28
CA CYS B 133 25.19 7.45 -2.32
C CYS B 133 25.85 6.19 -1.81
N GLY B 134 25.19 5.53 -0.86
CA GLY B 134 25.65 4.23 -0.38
C GLY B 134 25.27 3.09 -1.29
N GLY B 135 25.20 1.89 -0.73
CA GLY B 135 25.01 0.70 -1.53
C GLY B 135 23.66 0.70 -2.24
N VAL B 136 22.62 1.14 -1.55
CA VAL B 136 21.30 1.15 -2.16
C VAL B 136 21.11 2.35 -3.10
N GLY B 137 21.64 3.50 -2.69
CA GLY B 137 21.55 4.70 -3.50
C GLY B 137 22.27 4.55 -4.82
N SER B 138 23.48 3.97 -4.79
CA SER B 138 24.23 3.66 -6.01
C SER B 138 23.42 2.79 -6.96
N ALA B 139 22.82 1.74 -6.41
CA ALA B 139 22.10 0.80 -7.25
C ALA B 139 20.91 1.51 -7.87
N ILE B 140 20.24 2.34 -7.06
CA ILE B 140 19.09 3.09 -7.52
C ILE B 140 19.49 4.07 -8.63
N ALA B 141 20.58 4.81 -8.41
CA ALA B 141 21.05 5.75 -9.43
C ALA B 141 21.42 5.03 -10.73
N TYR B 142 22.04 3.86 -10.60
CA TYR B 142 22.47 3.10 -11.77
C TYR B 142 21.26 2.66 -12.56
N ALA B 143 20.24 2.19 -11.85
CA ALA B 143 19.02 1.71 -12.50
C ALA B 143 18.32 2.84 -13.23
N LEU B 144 18.29 4.01 -12.62
CA LEU B 144 17.66 5.18 -13.23
C LEU B 144 18.37 5.50 -14.53
N ALA B 145 19.70 5.51 -14.49
CA ALA B 145 20.51 5.83 -15.65
C ALA B 145 20.26 4.83 -16.78
N GLU B 146 20.24 3.56 -16.43
CA GLU B 146 20.03 2.54 -17.44
C GLU B 146 18.61 2.65 -17.98
N ALA B 147 17.70 3.21 -17.18
CA ALA B 147 16.33 3.39 -17.63
C ALA B 147 16.14 4.65 -18.51
N GLY B 148 17.22 5.39 -18.73
CA GLY B 148 17.17 6.54 -19.61
C GLY B 148 16.81 7.86 -18.96
N ILE B 149 16.97 7.96 -17.64
CA ILE B 149 16.79 9.25 -16.95
C ILE B 149 17.71 10.33 -17.58
N ALA B 150 17.21 11.56 -17.66
CA ALA B 150 17.99 12.64 -18.27
C ALA B 150 19.02 13.22 -17.31
N SER B 151 18.69 13.22 -16.02
CA SER B 151 19.51 13.93 -15.06
C SER B 151 19.40 13.34 -13.68
N ILE B 152 20.55 13.18 -13.03
CA ILE B 152 20.57 12.75 -11.64
C ILE B 152 21.34 13.74 -10.77
N THR B 153 20.70 14.19 -9.70
CA THR B 153 21.39 15.01 -8.73
C THR B 153 21.61 14.18 -7.48
N LEU B 154 22.80 14.29 -6.91
CA LEU B 154 23.19 13.46 -5.78
C LEU B 154 23.41 14.28 -4.52
N CYS B 155 23.08 13.68 -3.37
CA CYS B 155 23.38 14.27 -2.08
C CYS B 155 23.89 13.20 -1.09
N ASP B 156 24.99 13.50 -0.43
CA ASP B 156 25.56 12.62 0.58
C ASP B 156 26.66 13.40 1.28
N PRO B 157 26.67 13.41 2.62
CA PRO B 157 27.71 14.09 3.38
C PRO B 157 29.08 13.51 3.06
N SER B 158 29.08 12.28 2.57
CA SER B 158 30.32 11.60 2.21
C SER B 158 30.72 12.02 0.81
N THR B 159 31.63 12.98 0.73
CA THR B 159 32.14 13.42 -0.56
C THR B 159 32.79 12.23 -1.26
N ALA B 160 33.39 11.35 -0.49
CA ALA B 160 34.03 10.17 -1.08
C ALA B 160 33.02 9.41 -1.94
N ARG B 161 31.91 9.02 -1.32
CA ARG B 161 30.90 8.19 -1.97
C ARG B 161 30.12 8.90 -3.08
N MET B 162 29.84 10.19 -2.88
CA MET B 162 29.23 10.98 -3.94
C MET B 162 30.11 10.98 -5.21
N GLY B 163 31.41 11.20 -5.01
CA GLY B 163 32.36 11.19 -6.11
C GLY B 163 32.44 9.82 -6.77
N ALA B 164 32.40 8.78 -5.96
CA ALA B 164 32.38 7.41 -6.47
C ALA B 164 31.17 7.18 -7.37
N VAL B 165 29.98 7.59 -6.95
CA VAL B 165 28.81 7.42 -7.79
C VAL B 165 28.85 8.34 -9.01
N CYS B 166 29.40 9.53 -8.86
CA CYS B 166 29.62 10.42 -10.02
C CYS B 166 30.39 9.70 -11.13
N GLU B 167 31.56 9.17 -10.78
CA GLU B 167 32.39 8.41 -11.71
C GLU B 167 31.59 7.28 -12.36
N LEU B 168 31.13 6.35 -11.52
CA LEU B 168 30.26 5.28 -11.96
C LEU B 168 29.33 5.73 -13.08
N LEU B 169 28.48 6.71 -12.77
CA LEU B 169 27.47 7.16 -13.72
C LEU B 169 28.09 7.78 -14.97
N GLY B 170 29.07 8.65 -14.78
CA GLY B 170 29.75 9.27 -15.90
C GLY B 170 30.47 8.26 -16.78
N ASN B 171 31.02 7.21 -16.17
CA ASN B 171 31.66 6.16 -16.96
C ASN B 171 30.65 5.37 -17.77
N GLY B 172 29.51 5.08 -17.16
CA GLY B 172 28.54 4.20 -17.75
C GLY B 172 27.59 4.88 -18.73
N PHE B 173 27.39 6.18 -18.56
CA PHE B 173 26.30 6.83 -19.27
C PHE B 173 26.65 8.24 -19.71
N PRO B 174 27.37 8.36 -20.82
CA PRO B 174 27.84 9.65 -21.34
C PRO B 174 26.70 10.60 -21.60
N GLY B 175 25.52 10.07 -21.88
CA GLY B 175 24.41 10.93 -22.24
C GLY B 175 23.75 11.52 -21.01
N LEU B 176 24.13 10.99 -19.85
CA LEU B 176 23.50 11.35 -18.60
C LEU B 176 24.11 12.60 -18.01
N THR B 177 23.27 13.50 -17.50
CA THR B 177 23.77 14.66 -16.76
C THR B 177 23.79 14.35 -15.27
N VAL B 178 24.91 14.62 -14.62
CA VAL B 178 25.06 14.42 -13.17
C VAL B 178 25.46 15.71 -12.45
N SER B 179 24.87 15.94 -11.27
CA SER B 179 25.15 17.13 -10.49
C SER B 179 25.11 16.84 -8.99
N THR B 180 25.80 17.65 -8.20
CA THR B 180 25.69 17.55 -6.75
C THR B 180 25.33 18.93 -6.20
N GLN B 181 24.85 19.80 -7.07
CA GLN B 181 24.63 21.18 -6.70
C GLN B 181 23.27 21.67 -7.17
N PHE B 182 22.47 22.16 -6.23
CA PHE B 182 21.10 22.55 -6.51
C PHE B 182 20.50 23.37 -5.38
N SER B 183 19.55 24.25 -5.69
CA SER B 183 19.00 25.12 -4.65
C SER B 183 17.51 24.90 -4.37
N GLY B 184 16.89 23.95 -5.04
CA GLY B 184 15.50 23.65 -4.74
C GLY B 184 15.08 22.28 -5.24
N LEU B 185 13.85 21.87 -4.93
CA LEU B 185 13.33 20.57 -5.35
C LEU B 185 12.37 20.68 -6.52
N GLU B 186 12.09 21.91 -6.94
CA GLU B 186 11.00 22.18 -7.87
C GLU B 186 11.11 21.35 -9.13
N ASP B 187 12.34 21.19 -9.62
CA ASP B 187 12.54 20.66 -10.95
C ASP B 187 12.92 19.19 -10.94
N PHE B 188 12.63 18.50 -9.83
CA PHE B 188 12.81 17.06 -9.76
C PHE B 188 11.48 16.33 -9.92
N ASP B 189 11.42 15.39 -10.86
CA ASP B 189 10.28 14.47 -11.00
C ASP B 189 10.29 13.36 -9.95
N LEU B 190 11.47 13.01 -9.47
CA LEU B 190 11.63 11.99 -8.45
C LEU B 190 12.59 12.49 -7.39
N VAL B 191 12.18 12.36 -6.13
CA VAL B 191 13.05 12.64 -5.00
C VAL B 191 13.09 11.34 -4.19
N ALA B 192 14.26 10.71 -4.13
CA ALA B 192 14.39 9.43 -3.44
C ALA B 192 15.36 9.52 -2.28
N ASN B 193 14.88 9.18 -1.09
CA ASN B 193 15.76 9.01 0.03
C ASN B 193 16.34 7.60 0.06
N ALA B 194 17.65 7.49 -0.09
CA ALA B 194 18.30 6.19 0.00
C ALA B 194 19.25 6.17 1.20
N SER B 195 19.02 7.07 2.15
CA SER B 195 19.86 7.14 3.34
C SER B 195 19.13 6.49 4.51
N PRO B 196 19.85 6.34 5.64
CA PRO B 196 19.19 5.81 6.84
C PRO B 196 18.39 6.89 7.57
N VAL B 197 18.50 8.14 7.12
CA VAL B 197 17.75 9.21 7.79
C VAL B 197 16.25 8.98 7.60
N GLY B 198 15.51 8.98 8.72
CA GLY B 198 14.10 8.64 8.71
C GLY B 198 13.80 7.34 9.43
N MET B 199 14.82 6.51 9.61
CA MET B 199 14.64 5.23 10.32
C MET B 199 14.25 5.40 11.77
N GLY B 200 13.61 4.38 12.33
CA GLY B 200 13.48 4.24 13.77
C GLY B 200 12.45 5.13 14.43
N THR B 201 12.42 5.05 15.76
CA THR B 201 11.43 5.71 16.59
C THR B 201 11.65 7.25 16.57
N ARG B 202 12.91 7.65 16.64
CA ARG B 202 13.21 9.07 16.68
C ARG B 202 13.56 9.51 15.23
N ALA B 203 12.54 9.55 14.37
CA ALA B 203 12.74 9.76 12.94
C ALA B 203 12.93 11.22 12.51
N GLU B 204 13.92 11.44 11.64
CA GLU B 204 14.31 12.79 11.22
C GLU B 204 14.22 12.98 9.70
N LEU B 205 14.41 14.21 9.23
CA LEU B 205 14.33 14.54 7.81
C LEU B 205 15.72 14.78 7.20
N PRO B 206 15.98 14.24 6.00
CA PRO B 206 17.30 14.32 5.36
C PRO B 206 17.53 15.66 4.65
N LEU B 207 16.52 16.53 4.62
CA LEU B 207 16.61 17.80 3.91
C LEU B 207 16.25 18.98 4.81
N SER B 208 17.01 20.06 4.71
CA SER B 208 16.63 21.29 5.42
C SER B 208 15.18 21.73 5.17
N ALA B 209 14.62 22.42 6.15
CA ALA B 209 13.26 22.94 6.04
C ALA B 209 13.08 23.81 4.79
N ALA B 210 14.07 24.63 4.48
CA ALA B 210 14.01 25.47 3.29
C ALA B 210 13.92 24.65 2.01
N LEU B 211 14.78 23.65 1.86
CA LEU B 211 14.72 22.82 0.67
C LEU B 211 13.34 22.18 0.57
N LEU B 212 12.86 21.68 1.72
CA LEU B 212 11.64 20.87 1.74
C LEU B 212 10.44 21.69 1.32
N ALA B 213 10.43 22.94 1.71
CA ALA B 213 9.33 23.84 1.40
C ALA B 213 9.18 24.05 -0.10
N THR B 214 10.19 23.67 -0.89
CA THR B 214 10.09 23.86 -2.34
C THR B 214 9.54 22.63 -3.03
N LEU B 215 9.27 21.56 -2.28
CA LEU B 215 8.70 20.36 -2.88
C LEU B 215 7.38 20.68 -3.57
N GLN B 216 7.20 20.18 -4.80
CA GLN B 216 5.95 20.40 -5.55
C GLN B 216 5.16 19.11 -5.66
N PRO B 217 3.83 19.21 -5.76
CA PRO B 217 2.91 18.06 -5.82
C PRO B 217 3.20 17.10 -6.97
N ASP B 218 3.64 17.62 -8.11
CA ASP B 218 3.93 16.76 -9.26
C ASP B 218 5.31 16.16 -9.13
N THR B 219 5.51 15.39 -8.05
CA THR B 219 6.78 14.74 -7.80
C THR B 219 6.48 13.39 -7.17
N LEU B 220 7.17 12.35 -7.61
CA LEU B 220 7.17 11.09 -6.89
C LEU B 220 8.21 11.20 -5.77
N VAL B 221 7.78 10.96 -4.53
CA VAL B 221 8.72 10.99 -3.43
C VAL B 221 8.85 9.57 -2.89
N ALA B 222 10.06 9.03 -2.94
CA ALA B 222 10.27 7.66 -2.54
C ALA B 222 11.21 7.58 -1.37
N ASP B 223 11.03 6.55 -0.54
CA ASP B 223 11.93 6.31 0.60
C ASP B 223 12.25 4.82 0.67
N VAL B 224 13.49 4.47 1.02
CA VAL B 224 13.86 3.06 1.11
C VAL B 224 13.70 2.56 2.54
N VAL B 225 13.65 3.48 3.48
CA VAL B 225 13.45 3.13 4.87
C VAL B 225 12.20 2.26 5.03
N THR B 226 12.33 1.18 5.77
CA THR B 226 11.20 0.28 5.96
C THR B 226 10.51 0.47 7.30
N SER B 227 11.20 1.14 8.23
CA SER B 227 10.63 1.32 9.56
C SER B 227 11.02 2.64 10.18
N PRO B 228 10.06 3.59 10.26
CA PRO B 228 8.63 3.43 9.97
C PRO B 228 8.31 3.34 8.48
N GLU B 229 7.09 2.91 8.17
CA GLU B 229 6.64 2.82 6.77
C GLU B 229 6.54 4.22 6.18
N ILE B 230 5.88 5.11 6.92
CA ILE B 230 5.79 6.50 6.52
C ILE B 230 6.79 7.29 7.36
N THR B 231 7.89 7.70 6.71
CA THR B 231 8.92 8.51 7.36
C THR B 231 8.51 9.99 7.43
N PRO B 232 9.26 10.80 8.18
CA PRO B 232 8.91 12.23 8.17
C PRO B 232 8.88 12.79 6.74
N LEU B 233 9.77 12.31 5.89
CA LEU B 233 9.86 12.83 4.53
C LEU B 233 8.59 12.51 3.74
N LEU B 234 8.13 11.28 3.87
CA LEU B 234 6.93 10.84 3.17
C LEU B 234 5.67 11.54 3.72
N ASN B 235 5.66 11.78 5.04
CA ASN B 235 4.56 12.48 5.68
C ASN B 235 4.37 13.87 5.09
N ARG B 236 5.47 14.60 4.98
CA ARG B 236 5.46 15.90 4.33
C ARG B 236 5.01 15.76 2.88
N ALA B 237 5.58 14.77 2.18
CA ALA B 237 5.19 14.47 0.80
C ALA B 237 3.69 14.28 0.69
N ARG B 238 3.12 13.48 1.59
CA ARG B 238 1.67 13.33 1.65
C ARG B 238 0.91 14.66 1.79
N GLN B 239 1.32 15.49 2.75
CA GLN B 239 0.69 16.79 2.97
C GLN B 239 0.71 17.69 1.73
N VAL B 240 1.82 17.63 0.98
CA VAL B 240 1.97 18.42 -0.23
C VAL B 240 1.07 17.91 -1.38
N GLY B 241 0.67 16.64 -1.30
CA GLY B 241 -0.12 16.04 -2.35
C GLY B 241 0.69 15.23 -3.36
N CYS B 242 1.92 14.88 -3.02
CA CYS B 242 2.79 14.14 -3.92
C CYS B 242 2.34 12.70 -4.04
N ARG B 243 2.73 12.05 -5.13
CA ARG B 243 2.66 10.60 -5.17
C ARG B 243 3.74 10.11 -4.23
N ILE B 244 3.50 9.03 -3.47
CA ILE B 244 4.55 8.52 -2.60
C ILE B 244 4.85 7.03 -2.77
N GLN B 245 6.11 6.66 -2.49
CA GLN B 245 6.58 5.27 -2.54
C GLN B 245 7.33 4.92 -1.26
N THR B 246 6.96 3.81 -0.63
CA THR B 246 7.45 3.48 0.70
C THR B 246 8.54 2.41 0.66
N GLY B 247 9.27 2.28 1.76
CA GLY B 247 10.30 1.25 1.86
C GLY B 247 9.71 -0.14 1.65
N PRO B 248 8.60 -0.43 2.36
CA PRO B 248 7.95 -1.73 2.18
C PRO B 248 7.57 -2.01 0.74
N GLU B 249 7.12 -1.00 -0.01
CA GLU B 249 6.81 -1.20 -1.42
C GLU B 249 8.03 -1.65 -2.21
N MET B 250 9.17 -1.06 -1.92
CA MET B 250 10.39 -1.47 -2.58
C MET B 250 10.81 -2.86 -2.10
N ALA B 251 10.70 -3.13 -0.80
CA ALA B 251 11.10 -4.43 -0.28
C ALA B 251 10.26 -5.53 -0.93
N PHE B 252 8.98 -5.23 -1.16
CA PHE B 252 8.10 -6.19 -1.80
C PHE B 252 8.49 -6.42 -3.26
N ALA B 253 8.79 -5.36 -3.98
CA ALA B 253 9.24 -5.52 -5.36
C ALA B 253 10.54 -6.30 -5.38
N GLN B 254 11.39 -6.03 -4.41
CA GLN B 254 12.67 -6.71 -4.23
C GLN B 254 12.55 -8.24 -4.03
N LEU B 255 11.54 -8.70 -3.33
CA LEU B 255 11.35 -10.12 -3.16
C LEU B 255 11.37 -10.88 -4.45
N GLY B 256 10.65 -10.35 -5.42
CA GLY B 256 10.37 -11.06 -6.63
C GLY B 256 11.52 -11.13 -7.55
N HIS B 257 12.32 -10.11 -7.54
CA HIS B 257 13.58 -10.07 -8.29
C HIS B 257 14.65 -11.01 -7.71
N LEU B 258 14.78 -10.94 -6.40
CA LEU B 258 15.61 -11.86 -5.63
C LEU B 258 15.21 -13.27 -6.02
N GLY B 259 13.92 -13.57 -5.91
CA GLY B 259 13.43 -14.92 -6.17
C GLY B 259 13.62 -15.37 -7.61
N ALA B 260 13.32 -14.50 -8.56
CA ALA B 260 13.44 -14.87 -9.98
C ALA B 260 14.89 -15.18 -10.33
N PHE B 261 15.81 -14.44 -9.71
CA PHE B 261 17.24 -14.65 -9.97
C PHE B 261 17.72 -15.98 -9.41
N MET B 262 17.30 -16.31 -8.19
CA MET B 262 17.66 -17.61 -7.60
C MET B 262 16.88 -18.71 -8.30
N GLY B 263 15.84 -18.34 -9.03
CA GLY B 263 15.02 -19.29 -9.75
C GLY B 263 14.11 -20.09 -8.83
N VAL B 264 13.50 -19.40 -7.87
CA VAL B 264 12.61 -20.05 -6.93
C VAL B 264 11.19 -19.48 -7.03
N THR B 265 11.09 -18.25 -7.54
CA THR B 265 9.79 -17.60 -7.69
C THR B 265 9.80 -16.68 -8.91
N PRO B 266 8.61 -16.43 -9.46
CA PRO B 266 8.47 -15.56 -10.63
C PRO B 266 8.74 -14.12 -10.20
N LEU B 267 8.91 -13.20 -11.14
CA LEU B 267 9.03 -11.78 -10.79
C LEU B 267 7.79 -11.30 -10.04
N GLU B 268 6.70 -12.04 -10.17
CA GLU B 268 5.48 -11.88 -9.37
C GLU B 268 4.27 -12.53 -10.03
#